data_7E39
#
_entry.id   7E39
#
_cell.length_a   1.00
_cell.length_b   1.00
_cell.length_c   1.00
_cell.angle_alpha   90.00
_cell.angle_beta   90.00
_cell.angle_gamma   90.00
#
_symmetry.space_group_name_H-M   'P 1'
#
loop_
_entity.id
_entity.type
_entity.pdbx_description
1 polymer 'Spike protein S1'
2 polymer 'Light Chain of Ab4'
3 polymer 'Heavy Chain of Ab4'
4 non-polymer 2-acetamido-2-deoxy-beta-D-glucopyranose
#
loop_
_entity_poly.entity_id
_entity_poly.type
_entity_poly.pdbx_seq_one_letter_code
_entity_poly.pdbx_strand_id
1 'polypeptide(L)'
;TNLCPFGEVFNATRFASVYAWNRKRISNCVADYSVLYNSASFSTFKCYGVSPTKLNDLCFTNVYADSFVIRGDEVRQIAP
GQTGKIADYNYKLPDDFTGCVIAWNSNNLDSKVGGNYNYLYRLFRKSNLKPFERDISTEIYQAGSTPCNGVEGFNCYFPL
QSYGFQPTNGVGYQPYRVVVLSFELLHAPATVCG
;
A
2 'polypeptide(L)'
;NIQMTQSPSAMSASVGDRVTITCRARQGISNYLAWFQQKPGKVPKHLIYAASSLLSGVPSRFSGSGSETEFTLTISSLQP
EDFATYYCLQHNSYPYTFGQGTKLEIKRTVAAPSVFIFPPSDEQLKSGTASVVCLLNNFYPREAKVQWKVDNALQSGNSQ
ESVTEQDSKDSTYSLSSTLTLSKADYEKHKVYACEVTHQGLSSPVTKSFNRGEC
;
B
3 'polypeptide(L)'
;QVQLVESGGGVVQPGRSLRLSCAASGFIFSSYGMHWVRQAPGKGLEWVAVIWFDGSNKYYADSVKGRFTISRDNSKNTLY
LQMNSLRAEDTAVYYCARETVSYGMDVWGQGTTVTVSSASTKGPSVFPLAPSSKSTSGGTAALGCLVKDYFPEPVTVSWN
SGALTSGVHTFPAVLQSSGLYSLSSVVTVPSSSLGTQTYICNVNHKPSNTKVDKKVEPKSCDKTHTCPPCPAPEAAGGPS
VFLFPPKPKDTLMISRTPEVTCVVVDVSHEDPEVKFNWYVDGVEVHNAKTKPREEQYNSTYRVVSVLTVLHQDWLNGKEY
KCKVSNKALPAPIEKTISKAKGQPREPQVYTLPPSREEMTKNQVSLTCLVKGFYPSDIAVEWESNGQPENNYKTTPPVLD
SDGSFFLYSKLTVDKSRWQQGNVFSCSVMHEALHNHYTQKSLSLSPGK
;
C
#
# COMPACT_ATOMS: atom_id res chain seq x y z
N THR A 1 33.84 40.31 -0.67
CA THR A 1 33.37 39.06 -1.28
C THR A 1 31.85 39.00 -1.28
N ASN A 2 31.30 38.05 -2.04
CA ASN A 2 29.87 37.99 -2.28
C ASN A 2 29.12 37.67 -0.99
N LEU A 3 27.80 37.71 -1.07
CA LEU A 3 26.93 37.24 0.00
C LEU A 3 26.14 36.03 -0.48
N CYS A 4 26.00 35.03 0.39
CA CYS A 4 25.28 33.85 -0.05
C CYS A 4 23.78 34.09 -0.06
N PRO A 5 23.07 33.49 -1.01
CA PRO A 5 21.62 33.69 -1.10
C PRO A 5 20.84 32.80 -0.12
N PHE A 6 21.07 33.02 1.17
CA PHE A 6 20.15 32.44 2.15
C PHE A 6 18.79 33.12 2.10
N GLY A 7 18.74 34.37 1.64
CA GLY A 7 17.46 35.01 1.44
C GLY A 7 16.65 34.35 0.36
N GLU A 8 17.29 33.94 -0.72
CA GLU A 8 16.58 33.27 -1.81
C GLU A 8 16.30 31.80 -1.51
N VAL A 9 16.50 31.36 -0.27
CA VAL A 9 16.16 29.99 0.13
C VAL A 9 15.19 30.05 1.29
N PHE A 10 15.63 30.62 2.41
CA PHE A 10 14.75 30.75 3.57
C PHE A 10 13.56 31.64 3.25
N ASN A 11 13.80 32.75 2.53
CA ASN A 11 12.77 33.69 2.15
C ASN A 11 12.38 33.52 0.69
N ALA A 12 12.33 32.27 0.22
CA ALA A 12 11.70 31.93 -1.04
C ALA A 12 10.29 31.48 -0.75
N THR A 13 9.37 31.83 -1.63
CA THR A 13 7.94 31.76 -1.31
C THR A 13 7.26 30.51 -1.85
N ARG A 14 8.01 29.57 -2.43
CA ARG A 14 7.41 28.36 -2.98
C ARG A 14 8.31 27.17 -2.64
N PHE A 15 7.96 26.44 -1.58
CA PHE A 15 8.60 25.19 -1.23
C PHE A 15 7.86 24.04 -1.87
N ALA A 16 8.59 22.97 -2.18
CA ALA A 16 8.00 21.82 -2.83
C ALA A 16 7.66 20.75 -1.81
N SER A 17 6.90 19.75 -2.25
CA SER A 17 6.45 18.69 -1.38
C SER A 17 7.63 17.88 -0.87
N VAL A 18 7.48 17.31 0.32
CA VAL A 18 8.59 16.61 0.96
C VAL A 18 9.01 15.39 0.16
N TYR A 19 8.10 14.81 -0.62
CA TYR A 19 8.48 13.67 -1.45
C TYR A 19 9.44 14.10 -2.54
N ALA A 20 9.41 15.36 -2.91
CA ALA A 20 10.25 15.93 -3.96
C ALA A 20 10.96 17.16 -3.43
N TRP A 21 11.52 17.02 -2.23
CA TRP A 21 12.25 18.11 -1.58
C TRP A 21 13.30 18.70 -2.49
N ASN A 22 13.47 20.02 -2.38
CA ASN A 22 14.26 20.78 -3.35
C ASN A 22 15.62 21.11 -2.75
N ARG A 23 16.67 20.71 -3.44
CA ARG A 23 18.04 20.92 -3.01
C ARG A 23 18.64 22.10 -3.76
N LYS A 24 19.36 22.95 -3.04
CA LYS A 24 20.01 24.11 -3.64
C LYS A 24 21.42 24.23 -3.09
N ARG A 25 22.41 24.15 -3.96
CA ARG A 25 23.79 24.28 -3.51
C ARG A 25 24.10 25.73 -3.17
N ILE A 26 24.88 25.92 -2.12
CA ILE A 26 25.39 27.24 -1.73
C ILE A 26 26.91 27.15 -1.83
N SER A 27 27.51 27.95 -2.69
CA SER A 27 28.96 27.87 -2.86
C SER A 27 29.46 29.15 -3.54
N ASN A 28 30.79 29.27 -3.59
CA ASN A 28 31.50 30.41 -4.15
C ASN A 28 31.05 31.72 -3.53
N CYS A 29 30.50 31.68 -2.32
CA CYS A 29 30.02 32.87 -1.65
C CYS A 29 30.37 32.78 -0.18
N VAL A 30 30.11 33.88 0.54
CA VAL A 30 30.31 33.92 1.98
C VAL A 30 29.16 34.71 2.62
N ALA A 31 28.50 34.10 3.59
CA ALA A 31 27.43 34.75 4.34
C ALA A 31 27.52 34.26 5.77
N ASP A 32 26.48 34.54 6.53
CA ASP A 32 26.48 34.23 7.96
C ASP A 32 25.27 33.40 8.33
N TYR A 33 25.39 32.74 9.47
CA TYR A 33 24.32 31.97 10.09
C TYR A 33 23.96 32.49 11.47
N SER A 34 24.90 33.15 12.15
CA SER A 34 24.62 33.72 13.46
C SER A 34 23.71 34.93 13.39
N VAL A 35 23.24 35.31 12.20
CA VAL A 35 22.11 36.23 12.09
C VAL A 35 20.80 35.45 12.01
N LEU A 36 20.82 34.28 11.35
CA LEU A 36 19.65 33.42 11.35
C LEU A 36 19.36 32.92 12.76
N TYR A 37 20.38 32.43 13.45
CA TYR A 37 20.23 32.03 14.85
C TYR A 37 19.90 33.22 15.72
N ASN A 38 20.32 34.42 15.33
CA ASN A 38 19.91 35.63 16.01
C ASN A 38 18.51 36.09 15.61
N SER A 39 18.04 35.69 14.43
CA SER A 39 16.76 36.17 13.94
C SER A 39 15.63 35.81 14.90
N ALA A 40 15.72 34.65 15.54
CA ALA A 40 14.73 34.17 16.51
C ALA A 40 13.33 34.04 15.92
N SER A 41 13.20 34.18 14.60
CA SER A 41 11.90 34.02 13.96
C SER A 41 11.51 32.56 13.80
N PHE A 42 12.46 31.64 13.90
CA PHE A 42 12.21 30.23 13.71
C PHE A 42 11.67 29.60 15.00
N SER A 43 11.07 28.43 14.84
CA SER A 43 10.49 27.70 15.97
C SER A 43 11.17 26.36 16.23
N THR A 44 12.18 26.01 15.44
CA THR A 44 12.95 24.78 15.68
C THR A 44 14.29 24.95 14.99
N PHE A 45 15.37 25.05 15.76
CA PHE A 45 16.69 25.35 15.22
C PHE A 45 17.67 24.41 15.92
N LYS A 46 17.91 23.25 15.33
CA LYS A 46 18.79 22.26 15.95
C LYS A 46 19.97 21.99 15.03
N CYS A 47 21.18 22.30 15.49
CA CYS A 47 22.39 21.99 14.76
C CYS A 47 23.00 20.73 15.33
N TYR A 48 22.98 19.65 14.55
CA TYR A 48 23.36 18.35 15.04
C TYR A 48 24.86 18.18 15.16
N GLY A 49 25.63 18.93 14.38
CA GLY A 49 27.06 18.89 14.50
C GLY A 49 27.55 20.00 15.40
N VAL A 50 28.21 21.00 14.81
CA VAL A 50 28.74 22.11 15.57
C VAL A 50 27.59 22.92 16.16
N SER A 51 27.84 23.56 17.30
CA SER A 51 26.84 24.41 17.94
C SER A 51 26.58 25.64 17.06
N PRO A 52 25.36 26.17 17.08
CA PRO A 52 25.02 27.26 16.14
C PRO A 52 25.86 28.50 16.30
N THR A 53 26.15 28.93 17.52
CA THR A 53 26.92 30.16 17.70
C THR A 53 28.34 30.01 17.18
N LYS A 54 28.96 28.85 17.40
CA LYS A 54 30.34 28.66 16.98
C LYS A 54 30.49 28.64 15.48
N LEU A 55 29.45 28.22 14.76
CA LEU A 55 29.63 27.87 13.36
C LEU A 55 29.89 29.08 12.47
N ASN A 56 29.47 30.28 12.89
CA ASN A 56 29.73 31.48 12.10
C ASN A 56 31.21 31.68 11.86
N ASP A 57 32.07 31.19 12.76
CA ASP A 57 33.51 31.33 12.63
C ASP A 57 34.14 30.15 11.91
N LEU A 58 33.40 29.48 11.02
CA LEU A 58 33.88 28.31 10.29
C LEU A 58 33.87 28.59 8.79
N CYS A 59 34.30 27.57 8.04
CA CYS A 59 34.23 27.59 6.59
C CYS A 59 33.82 26.22 6.10
N PHE A 60 33.05 26.16 5.02
CA PHE A 60 32.43 24.93 4.58
C PHE A 60 32.70 24.67 3.11
N THR A 61 32.61 23.41 2.70
CA THR A 61 32.99 23.04 1.34
C THR A 61 31.79 22.56 0.53
N ASN A 62 30.81 21.93 1.17
CA ASN A 62 29.64 21.41 0.48
C ASN A 62 28.39 21.76 1.27
N VAL A 63 27.81 22.92 1.00
CA VAL A 63 26.58 23.36 1.65
C VAL A 63 25.42 23.15 0.70
N TYR A 64 24.38 22.48 1.18
CA TYR A 64 23.17 22.23 0.39
C TYR A 64 21.97 22.56 1.25
N ALA A 65 21.25 23.62 0.89
CA ALA A 65 20.00 23.95 1.56
C ALA A 65 18.90 23.10 0.95
N ASP A 66 18.27 22.27 1.77
CA ASP A 66 17.22 21.37 1.34
C ASP A 66 15.91 21.86 1.94
N SER A 67 14.94 22.16 1.08
CA SER A 67 13.71 22.82 1.50
C SER A 67 12.52 21.94 1.16
N PHE A 68 11.59 21.86 2.11
CA PHE A 68 10.33 21.14 1.91
C PHE A 68 9.32 21.62 2.94
N VAL A 69 8.14 21.03 2.88
CA VAL A 69 7.03 21.36 3.79
C VAL A 69 6.49 20.07 4.36
N ILE A 70 6.34 20.02 5.69
CA ILE A 70 5.82 18.85 6.36
C ILE A 70 4.75 19.30 7.34
N ARG A 71 4.25 18.36 8.14
CA ARG A 71 3.32 18.69 9.20
C ARG A 71 4.08 19.04 10.46
N GLY A 72 3.48 19.92 11.27
CA GLY A 72 4.17 20.41 12.45
C GLY A 72 4.56 19.30 13.40
N ASP A 73 3.70 18.30 13.57
CA ASP A 73 3.93 17.27 14.57
C ASP A 73 4.87 16.18 14.09
N GLU A 74 5.22 16.14 12.81
CA GLU A 74 6.13 15.12 12.29
C GLU A 74 7.56 15.62 12.15
N VAL A 75 7.86 16.81 12.69
CA VAL A 75 9.18 17.40 12.51
C VAL A 75 10.26 16.57 13.21
N ARG A 76 9.88 15.83 14.26
CA ARG A 76 10.89 15.06 14.98
C ARG A 76 11.56 14.03 14.09
N GLN A 77 10.88 13.57 13.04
CA GLN A 77 11.45 12.59 12.12
C GLN A 77 12.54 13.17 11.25
N ILE A 78 12.72 14.49 11.23
CA ILE A 78 13.84 15.09 10.49
C ILE A 78 15.01 15.11 11.47
N ALA A 79 15.68 13.97 11.54
CA ALA A 79 16.77 13.74 12.49
C ALA A 79 17.44 12.41 12.18
N PRO A 80 18.75 12.30 12.40
CA PRO A 80 19.42 11.02 12.20
C PRO A 80 18.88 9.95 13.14
N GLY A 81 18.96 8.70 12.68
CA GLY A 81 18.44 7.58 13.45
C GLY A 81 16.99 7.78 13.82
N GLN A 82 16.11 7.82 12.83
CA GLN A 82 14.72 8.17 13.07
C GLN A 82 13.81 7.33 12.19
N THR A 83 12.73 6.84 12.79
CA THR A 83 11.65 6.19 12.08
C THR A 83 10.49 7.16 11.97
N GLY A 84 9.59 6.91 11.04
CA GLY A 84 8.47 7.79 10.79
C GLY A 84 8.31 7.91 9.29
N LYS A 85 7.05 8.00 8.85
CA LYS A 85 6.75 7.88 7.43
C LYS A 85 7.50 8.92 6.62
N ILE A 86 7.69 10.12 7.18
CA ILE A 86 8.54 11.11 6.54
C ILE A 86 9.97 10.58 6.43
N ALA A 87 10.56 10.23 7.56
CA ALA A 87 11.94 9.76 7.56
C ALA A 87 12.09 8.39 6.91
N ASP A 88 11.00 7.64 6.76
CA ASP A 88 11.09 6.32 6.14
C ASP A 88 10.97 6.40 4.62
N TYR A 89 9.88 6.97 4.13
CA TYR A 89 9.57 6.91 2.71
C TYR A 89 9.90 8.19 1.96
N ASN A 90 10.23 9.28 2.65
CA ASN A 90 10.37 10.56 2.00
C ASN A 90 11.76 11.17 2.12
N TYR A 91 12.31 11.27 3.33
CA TYR A 91 13.54 12.04 3.51
C TYR A 91 14.28 11.53 4.75
N LYS A 92 15.32 10.74 4.54
CA LYS A 92 16.13 10.23 5.63
C LYS A 92 17.39 11.07 5.77
N LEU A 93 17.72 11.43 7.01
CA LEU A 93 18.95 12.07 7.41
C LEU A 93 19.99 11.01 7.79
N PRO A 94 21.21 11.14 7.31
CA PRO A 94 22.24 10.16 7.66
C PRO A 94 22.53 10.18 9.15
N ASP A 95 22.90 9.01 9.68
CA ASP A 95 23.18 8.91 11.11
C ASP A 95 24.40 9.74 11.50
N ASP A 96 25.31 9.99 10.55
CA ASP A 96 26.48 10.83 10.79
C ASP A 96 26.27 12.24 10.25
N PHE A 97 25.04 12.73 10.33
CA PHE A 97 24.71 14.07 9.83
C PHE A 97 25.46 15.14 10.62
N THR A 98 25.90 16.17 9.90
CA THR A 98 26.61 17.30 10.50
C THR A 98 26.06 18.57 9.86
N GLY A 99 25.06 19.16 10.49
CA GLY A 99 24.42 20.33 9.92
C GLY A 99 23.39 20.88 10.86
N CYS A 100 22.45 21.62 10.28
CA CYS A 100 21.38 22.25 11.04
C CYS A 100 20.03 22.00 10.38
N VAL A 101 19.01 21.82 11.22
CA VAL A 101 17.63 21.68 10.80
C VAL A 101 16.87 22.89 11.32
N ILE A 102 16.09 23.51 10.44
CA ILE A 102 15.44 24.78 10.70
C ILE A 102 13.99 24.61 10.27
N ALA A 103 13.10 24.50 11.22
CA ALA A 103 11.68 24.34 10.94
C ALA A 103 10.92 25.50 11.56
N TRP A 104 10.05 26.12 10.79
CA TRP A 104 9.22 27.19 11.32
C TRP A 104 7.79 27.01 10.83
N ASN A 105 6.83 27.28 11.71
CA ASN A 105 5.44 27.14 11.34
C ASN A 105 5.11 28.10 10.20
N SER A 106 4.41 27.57 9.20
CA SER A 106 4.02 28.33 8.02
C SER A 106 2.53 28.15 7.76
N ASN A 107 1.74 28.28 8.83
CA ASN A 107 0.31 28.06 8.72
C ASN A 107 -0.34 29.04 7.75
N ASN A 108 -0.03 30.33 7.90
CA ASN A 108 -0.71 31.33 7.08
C ASN A 108 -0.22 31.31 5.64
N LEU A 109 1.08 31.12 5.43
CA LEU A 109 1.62 31.13 4.07
C LEU A 109 1.08 29.98 3.24
N ASP A 110 0.61 28.90 3.86
CA ASP A 110 0.29 27.68 3.13
C ASP A 110 -1.14 27.21 3.30
N SER A 111 -1.69 27.27 4.51
CA SER A 111 -2.94 26.58 4.81
C SER A 111 -4.12 27.41 4.32
N LYS A 112 -4.65 27.05 3.15
CA LYS A 112 -5.80 27.71 2.58
C LYS A 112 -7.09 27.16 3.20
N VAL A 113 -8.20 27.82 2.89
CA VAL A 113 -9.51 27.34 3.34
C VAL A 113 -9.82 25.99 2.71
N GLY A 114 -9.52 25.82 1.43
CA GLY A 114 -9.65 24.57 0.73
C GLY A 114 -8.41 23.71 0.78
N GLY A 115 -7.40 24.09 1.57
CA GLY A 115 -6.19 23.32 1.69
C GLY A 115 -5.26 23.51 0.51
N ASN A 116 -3.95 23.52 0.77
CA ASN A 116 -2.96 23.61 -0.30
C ASN A 116 -2.54 22.20 -0.68
N TYR A 117 -3.29 21.61 -1.59
CA TYR A 117 -3.06 20.24 -2.01
C TYR A 117 -1.98 20.13 -3.07
N ASN A 118 -1.17 21.17 -3.23
CA ASN A 118 0.10 21.00 -3.93
C ASN A 118 1.09 20.23 -3.08
N TYR A 119 0.91 20.22 -1.76
CA TYR A 119 1.81 19.52 -0.85
C TYR A 119 1.39 18.06 -0.76
N LEU A 120 2.22 17.18 -1.28
CA LEU A 120 2.00 15.74 -1.22
C LEU A 120 3.16 15.10 -0.46
N TYR A 121 3.08 13.78 -0.29
CA TYR A 121 4.14 13.04 0.38
C TYR A 121 3.94 11.57 0.11
N ARG A 122 5.05 10.84 0.10
CA ARG A 122 5.02 9.41 -0.17
C ARG A 122 4.65 8.66 1.11
N LEU A 123 3.66 7.78 0.99
CA LEU A 123 3.22 6.98 2.12
C LEU A 123 3.35 5.48 1.85
N PHE A 124 3.63 5.10 0.61
CA PHE A 124 3.93 3.75 0.18
C PHE A 124 5.27 3.72 -0.54
N ARG A 125 6.07 2.70 -0.25
CA ARG A 125 7.29 2.42 -1.00
C ARG A 125 7.78 1.04 -0.61
N LYS A 126 8.44 0.37 -1.55
CA LYS A 126 8.88 -1.00 -1.31
C LYS A 126 9.85 -1.05 -0.14
N SER A 127 10.79 -0.12 -0.09
CA SER A 127 11.79 -0.05 0.97
C SER A 127 12.03 1.40 1.33
N ASN A 128 12.78 1.61 2.40
CA ASN A 128 13.03 2.96 2.88
C ASN A 128 14.09 3.60 1.99
N LEU A 129 14.61 4.74 2.42
CA LEU A 129 15.53 5.53 1.62
C LEU A 129 16.91 5.56 2.26
N LYS A 130 17.93 5.28 1.47
CA LYS A 130 19.27 5.64 1.87
C LYS A 130 19.32 7.15 2.06
N PRO A 131 20.09 7.64 3.03
CA PRO A 131 19.98 9.05 3.41
C PRO A 131 20.25 9.98 2.24
N PHE A 132 19.50 11.08 2.22
CA PHE A 132 19.62 12.18 1.26
C PHE A 132 19.24 11.78 -0.15
N GLU A 133 18.68 10.59 -0.34
CA GLU A 133 18.15 10.17 -1.63
C GLU A 133 16.69 10.56 -1.71
N ARG A 134 16.20 10.77 -2.93
CA ARG A 134 14.83 11.20 -3.14
C ARG A 134 14.17 10.36 -4.22
N ASP A 135 12.87 10.16 -4.07
CA ASP A 135 12.05 9.48 -5.06
C ASP A 135 11.04 10.48 -5.59
N ILE A 136 11.02 10.66 -6.91
CA ILE A 136 10.12 11.62 -7.55
C ILE A 136 9.04 10.96 -8.38
N SER A 137 9.17 9.68 -8.73
CA SER A 137 8.21 9.02 -9.59
C SER A 137 6.81 9.07 -8.98
N THR A 138 5.81 9.00 -9.86
CA THR A 138 4.41 8.95 -9.45
C THR A 138 3.68 7.81 -10.12
N GLU A 139 4.34 6.67 -10.29
CA GLU A 139 3.65 5.49 -10.79
C GLU A 139 2.64 4.98 -9.76
N ILE A 140 1.53 4.44 -10.25
CA ILE A 140 0.57 3.81 -9.34
C ILE A 140 1.20 2.54 -8.78
N TYR A 141 1.32 2.47 -7.46
CA TYR A 141 2.04 1.37 -6.85
C TYR A 141 1.29 0.07 -7.08
N GLN A 142 1.94 -0.88 -7.72
CA GLN A 142 1.30 -2.14 -8.09
C GLN A 142 1.70 -3.20 -7.07
N ALA A 143 0.85 -3.39 -6.06
CA ALA A 143 1.05 -4.47 -5.12
C ALA A 143 0.37 -5.76 -5.55
N GLY A 144 -0.44 -5.72 -6.59
CA GLY A 144 -1.15 -6.89 -7.04
C GLY A 144 -0.30 -7.80 -7.90
N SER A 145 -0.87 -8.29 -9.00
CA SER A 145 -0.10 -9.07 -9.96
C SER A 145 -0.22 -8.48 -11.36
N THR A 146 -1.43 -8.05 -11.72
CA THR A 146 -1.69 -7.50 -13.03
C THR A 146 -1.09 -6.11 -13.18
N PRO A 147 -0.80 -5.67 -14.42
CA PRO A 147 -0.41 -4.28 -14.64
C PRO A 147 -1.65 -3.40 -14.68
N CYS A 148 -1.70 -2.43 -13.79
CA CYS A 148 -2.89 -1.61 -13.67
C CYS A 148 -2.84 -0.30 -14.44
N ASN A 149 -1.71 0.02 -15.06
CA ASN A 149 -1.65 1.01 -16.13
C ASN A 149 -2.27 2.35 -15.71
N GLY A 150 -1.86 2.81 -14.53
CA GLY A 150 -2.30 4.11 -14.07
C GLY A 150 -3.70 4.16 -13.51
N VAL A 151 -4.36 3.02 -13.33
CA VAL A 151 -5.72 2.96 -12.82
C VAL A 151 -5.67 2.60 -11.34
N GLU A 152 -6.22 3.47 -10.50
CA GLU A 152 -6.20 3.24 -9.06
C GLU A 152 -7.35 2.33 -8.63
N GLY A 153 -7.52 1.21 -9.31
CA GLY A 153 -8.63 0.31 -9.01
C GLY A 153 -8.32 -0.66 -7.90
N PHE A 154 -8.71 -1.92 -8.08
CA PHE A 154 -8.45 -2.92 -7.06
C PHE A 154 -6.98 -3.31 -7.04
N ASN A 155 -6.41 -3.34 -5.85
CA ASN A 155 -5.07 -3.82 -5.56
C ASN A 155 -3.99 -2.90 -6.13
N CYS A 156 -4.36 -1.86 -6.87
CA CYS A 156 -3.48 -0.73 -7.18
C CYS A 156 -4.02 0.54 -6.57
N TYR A 157 -3.12 1.51 -6.43
CA TYR A 157 -3.34 2.71 -5.64
C TYR A 157 -2.19 3.69 -5.72
N PHE A 158 -2.49 4.97 -5.53
CA PHE A 158 -1.48 6.01 -5.68
C PHE A 158 -0.52 5.97 -4.50
N PRO A 159 0.79 6.10 -4.74
CA PRO A 159 1.74 6.03 -3.63
C PRO A 159 1.85 7.34 -2.87
N LEU A 160 1.61 8.46 -3.55
CA LEU A 160 1.60 9.76 -2.92
C LEU A 160 0.23 10.07 -2.35
N GLN A 161 0.21 10.95 -1.36
CA GLN A 161 -1.05 11.37 -0.77
C GLN A 161 -0.91 12.81 -0.31
N SER A 162 -2.04 13.50 -0.20
CA SER A 162 -2.07 14.93 -0.01
C SER A 162 -1.91 15.31 1.47
N TYR A 163 -2.14 16.60 1.75
CA TYR A 163 -2.23 17.12 3.10
C TYR A 163 -3.40 18.09 3.16
N GLY A 164 -4.24 17.94 4.19
CA GLY A 164 -5.32 18.87 4.39
C GLY A 164 -4.88 20.10 5.15
N PHE A 165 -3.96 20.86 4.56
CA PHE A 165 -3.39 22.03 5.23
C PHE A 165 -4.39 23.17 5.18
N GLN A 166 -5.13 23.35 6.27
CA GLN A 166 -6.11 24.40 6.43
C GLN A 166 -5.94 25.05 7.79
N PRO A 167 -6.36 26.32 7.94
CA PRO A 167 -6.22 26.98 9.24
C PRO A 167 -7.03 26.34 10.35
N THR A 168 -8.02 25.50 10.00
CA THR A 168 -8.82 24.83 11.01
C THR A 168 -8.07 23.70 11.70
N ASN A 169 -6.94 23.26 11.16
CA ASN A 169 -6.21 22.14 11.73
C ASN A 169 -5.47 22.57 12.99
N GLY A 170 -5.14 21.57 13.81
CA GLY A 170 -4.44 21.83 15.05
C GLY A 170 -3.04 22.36 14.82
N VAL A 171 -2.41 22.76 15.92
CA VAL A 171 -1.07 23.35 15.84
C VAL A 171 -0.09 22.35 15.21
N GLY A 172 -0.10 21.12 15.72
CA GLY A 172 0.75 20.09 15.13
C GLY A 172 0.28 19.64 13.77
N TYR A 173 -0.97 19.87 13.42
CA TYR A 173 -1.50 19.50 12.12
C TYR A 173 -1.40 20.63 11.10
N GLN A 174 -0.89 21.79 11.51
CA GLN A 174 -0.63 22.88 10.58
C GLN A 174 0.74 22.69 9.91
N PRO A 175 0.88 23.15 8.67
CA PRO A 175 2.13 22.90 7.94
C PRO A 175 3.29 23.70 8.49
N TYR A 176 4.46 23.07 8.48
CA TYR A 176 5.73 23.68 8.83
C TYR A 176 6.63 23.70 7.61
N ARG A 177 7.39 24.78 7.44
CA ARG A 177 8.38 24.87 6.39
C ARG A 177 9.74 24.53 6.98
N VAL A 178 10.44 23.61 6.31
CA VAL A 178 11.65 23.02 6.85
C VAL A 178 12.79 23.21 5.85
N VAL A 179 13.94 23.61 6.38
CA VAL A 179 15.18 23.78 5.65
C VAL A 179 16.25 22.98 6.39
N VAL A 180 17.14 22.35 5.65
CA VAL A 180 18.23 21.57 6.22
C VAL A 180 19.53 21.98 5.55
N LEU A 181 20.52 22.34 6.35
CA LEU A 181 21.84 22.72 5.86
C LEU A 181 22.84 21.64 6.26
N SER A 182 23.59 21.14 5.29
CA SER A 182 24.57 20.10 5.52
C SER A 182 25.96 20.66 5.25
N PHE A 183 26.88 20.47 6.20
CA PHE A 183 28.25 20.99 6.10
C PHE A 183 29.20 19.81 6.08
N GLU A 184 29.49 19.29 4.90
CA GLU A 184 30.48 18.23 4.81
C GLU A 184 31.89 18.83 4.93
N LEU A 185 32.81 18.03 5.45
CA LEU A 185 34.22 18.38 5.58
C LEU A 185 35.01 17.22 4.99
N LEU A 186 35.26 17.26 3.68
CA LEU A 186 35.85 16.15 2.96
C LEU A 186 37.10 16.61 2.23
N HIS A 187 37.59 15.83 1.26
CA HIS A 187 38.83 16.14 0.57
C HIS A 187 38.66 17.30 -0.38
N ALA A 188 38.58 18.52 0.16
CA ALA A 188 38.41 19.72 -0.64
C ALA A 188 38.70 20.93 0.24
N PRO A 189 39.07 22.05 -0.38
CA PRO A 189 39.07 23.33 0.35
C PRO A 189 37.66 23.89 0.46
N ALA A 190 37.54 24.94 1.26
CA ALA A 190 36.24 25.54 1.54
C ALA A 190 35.91 26.63 0.52
N THR A 191 34.62 26.80 0.28
CA THR A 191 34.11 27.88 -0.55
C THR A 191 33.15 28.80 0.18
N VAL A 192 32.48 28.31 1.21
CA VAL A 192 31.62 29.12 2.07
C VAL A 192 32.39 29.44 3.34
N CYS A 193 32.13 30.61 3.90
CA CYS A 193 32.81 31.05 5.12
C CYS A 193 31.84 31.92 5.91
N GLY A 194 32.37 32.65 6.89
CA GLY A 194 31.57 33.56 7.69
C GLY A 194 31.99 35.01 7.56
N ASN B 1 1.61 -16.65 7.76
CA ASN B 1 0.22 -16.93 7.46
C ASN B 1 -0.73 -16.19 8.40
N ILE B 2 -1.17 -15.01 7.98
CA ILE B 2 -2.17 -14.28 8.75
C ILE B 2 -3.49 -15.00 8.63
N GLN B 3 -4.17 -15.21 9.77
CA GLN B 3 -5.44 -15.91 9.80
C GLN B 3 -6.55 -14.96 10.21
N MET B 4 -7.71 -15.11 9.57
CA MET B 4 -8.88 -14.29 9.83
C MET B 4 -9.98 -15.16 10.44
N THR B 5 -10.99 -14.50 10.99
CA THR B 5 -12.14 -15.21 11.53
C THR B 5 -13.38 -14.35 11.34
N GLN B 6 -14.53 -15.02 11.34
CA GLN B 6 -15.83 -14.34 11.23
C GLN B 6 -16.74 -14.88 12.31
N SER B 7 -16.99 -14.07 13.34
CA SER B 7 -17.76 -14.54 14.49
C SER B 7 -19.16 -15.01 14.13
N PRO B 8 -19.99 -14.26 13.39
CA PRO B 8 -21.34 -14.79 13.16
C PRO B 8 -21.32 -15.87 12.09
N SER B 9 -20.94 -17.08 12.52
CA SER B 9 -20.77 -18.19 11.58
C SER B 9 -22.06 -18.51 10.84
N ALA B 10 -23.20 -18.14 11.41
CA ALA B 10 -24.48 -18.24 10.72
C ALA B 10 -25.47 -17.32 11.42
N MET B 11 -26.29 -16.62 10.65
CA MET B 11 -27.29 -15.73 11.20
C MET B 11 -28.61 -15.93 10.45
N SER B 12 -29.69 -16.13 11.21
CA SER B 12 -31.02 -16.35 10.64
C SER B 12 -31.79 -15.03 10.69
N ALA B 13 -31.53 -14.18 9.71
CA ALA B 13 -32.15 -12.88 9.60
C ALA B 13 -33.06 -12.83 8.38
N SER B 14 -34.23 -12.22 8.54
CA SER B 14 -35.28 -12.34 7.54
C SER B 14 -35.03 -11.33 6.41
N VAL B 15 -36.02 -11.20 5.53
CA VAL B 15 -35.89 -10.35 4.35
C VAL B 15 -36.15 -8.90 4.72
N GLY B 16 -35.63 -7.98 3.91
CA GLY B 16 -35.93 -6.57 4.05
C GLY B 16 -35.53 -5.96 5.37
N ASP B 17 -34.33 -6.29 5.86
CA ASP B 17 -33.88 -5.77 7.14
C ASP B 17 -32.38 -5.46 6.99
N ARG B 18 -31.71 -5.22 8.11
CA ARG B 18 -30.32 -4.78 8.13
C ARG B 18 -29.50 -5.70 9.02
N VAL B 19 -28.36 -6.16 8.52
CA VAL B 19 -27.47 -7.08 9.24
C VAL B 19 -26.03 -6.61 9.08
N THR B 20 -25.14 -7.29 9.79
CA THR B 20 -23.70 -7.08 9.68
C THR B 20 -22.99 -8.42 9.81
N ILE B 21 -21.78 -8.48 9.25
CA ILE B 21 -20.87 -9.61 9.42
C ILE B 21 -19.48 -9.06 9.73
N THR B 22 -18.84 -9.60 10.75
CA THR B 22 -17.57 -9.07 11.23
C THR B 22 -16.44 -10.03 10.90
N CYS B 23 -15.37 -9.48 10.35
CA CYS B 23 -14.10 -10.20 10.22
C CYS B 23 -13.10 -9.64 11.21
N ARG B 24 -12.24 -10.51 11.70
CA ARG B 24 -11.31 -10.18 12.76
C ARG B 24 -9.99 -10.85 12.43
N ALA B 25 -8.94 -10.04 12.34
CA ALA B 25 -7.62 -10.51 11.92
C ALA B 25 -6.74 -10.67 13.15
N ARG B 26 -6.16 -11.85 13.31
CA ARG B 26 -5.24 -12.11 14.41
C ARG B 26 -3.88 -11.49 14.17
N GLN B 27 -3.79 -10.60 13.19
CA GLN B 27 -2.61 -9.78 12.91
C GLN B 27 -3.13 -8.46 12.38
N GLY B 28 -2.26 -7.65 11.76
CA GLY B 28 -2.66 -6.35 11.27
C GLY B 28 -2.86 -6.29 9.77
N ILE B 29 -4.06 -5.93 9.34
CA ILE B 29 -4.44 -5.86 7.92
C ILE B 29 -4.94 -4.43 7.70
N SER B 30 -4.03 -3.54 7.31
CA SER B 30 -4.27 -2.09 7.37
C SER B 30 -5.61 -1.67 6.82
N ASN B 31 -5.84 -1.85 5.52
CA ASN B 31 -7.15 -1.59 4.95
C ASN B 31 -7.57 -2.58 3.88
N TYR B 32 -6.65 -3.34 3.30
CA TYR B 32 -6.95 -4.13 2.12
C TYR B 32 -7.64 -5.42 2.55
N LEU B 33 -8.92 -5.30 2.87
CA LEU B 33 -9.80 -6.43 3.06
C LEU B 33 -10.81 -6.46 1.92
N ALA B 34 -11.15 -7.66 1.46
CA ALA B 34 -12.13 -7.83 0.40
C ALA B 34 -13.25 -8.74 0.90
N TRP B 35 -14.48 -8.41 0.53
CA TRP B 35 -15.65 -9.21 0.86
C TRP B 35 -16.15 -9.92 -0.40
N PHE B 36 -16.23 -11.24 -0.32
CA PHE B 36 -16.67 -12.11 -1.39
C PHE B 36 -18.03 -12.70 -1.06
N GLN B 37 -18.83 -12.94 -2.08
CA GLN B 37 -20.14 -13.57 -1.94
C GLN B 37 -20.19 -14.82 -2.81
N GLN B 38 -20.71 -15.91 -2.24
CA GLN B 38 -20.84 -17.16 -2.98
C GLN B 38 -22.18 -17.79 -2.66
N LYS B 39 -22.86 -18.28 -3.69
CA LYS B 39 -24.09 -19.04 -3.53
C LYS B 39 -23.94 -20.38 -4.25
N PRO B 40 -24.48 -21.46 -3.68
CA PRO B 40 -24.45 -22.74 -4.41
C PRO B 40 -25.21 -22.62 -5.71
N GLY B 41 -24.62 -23.14 -6.78
CA GLY B 41 -25.11 -22.91 -8.11
C GLY B 41 -24.51 -21.70 -8.79
N LYS B 42 -23.79 -20.85 -8.05
CA LYS B 42 -23.17 -19.65 -8.58
C LYS B 42 -21.65 -19.77 -8.47
N VAL B 43 -20.97 -18.67 -8.79
CA VAL B 43 -19.52 -18.57 -8.74
C VAL B 43 -19.19 -17.43 -7.78
N PRO B 44 -18.16 -17.53 -6.95
CA PRO B 44 -17.88 -16.45 -5.99
C PRO B 44 -17.72 -15.11 -6.68
N LYS B 45 -18.44 -14.11 -6.16
CA LYS B 45 -18.56 -12.79 -6.79
C LYS B 45 -17.94 -11.76 -5.85
N HIS B 46 -16.77 -11.25 -6.24
CA HIS B 46 -16.03 -10.33 -5.38
C HIS B 46 -16.85 -9.05 -5.21
N LEU B 47 -17.42 -8.86 -4.02
CA LEU B 47 -18.28 -7.71 -3.77
C LEU B 47 -17.48 -6.45 -3.49
N ILE B 48 -16.63 -6.48 -2.46
CA ILE B 48 -15.95 -5.29 -1.99
C ILE B 48 -14.45 -5.57 -1.97
N TYR B 49 -13.65 -4.55 -2.28
CA TYR B 49 -12.22 -4.62 -2.03
C TYR B 49 -11.79 -3.43 -1.18
N ALA B 50 -10.63 -3.56 -0.55
CA ALA B 50 -10.02 -2.54 0.30
C ALA B 50 -10.88 -2.20 1.52
N ALA B 51 -11.91 -3.01 1.78
CA ALA B 51 -12.75 -2.90 2.97
C ALA B 51 -13.58 -1.62 2.98
N SER B 52 -13.37 -0.74 2.02
CA SER B 52 -14.19 0.46 1.88
C SER B 52 -14.63 0.75 0.47
N SER B 53 -13.91 0.28 -0.55
CA SER B 53 -14.21 0.59 -1.94
C SER B 53 -15.38 -0.25 -2.39
N LEU B 54 -16.58 0.32 -2.38
CA LEU B 54 -17.75 -0.38 -2.88
C LEU B 54 -17.58 -0.58 -4.37
N LEU B 55 -17.34 -1.82 -4.78
CA LEU B 55 -17.02 -2.08 -6.18
C LEU B 55 -18.23 -1.78 -7.06
N SER B 56 -17.95 -1.49 -8.33
CA SER B 56 -18.96 -1.02 -9.27
C SER B 56 -20.02 -2.08 -9.53
N GLY B 57 -21.19 -1.61 -9.94
CA GLY B 57 -22.28 -2.49 -10.38
C GLY B 57 -23.14 -3.10 -9.31
N VAL B 58 -22.54 -3.62 -8.24
CA VAL B 58 -23.28 -4.25 -7.16
C VAL B 58 -24.09 -3.17 -6.45
N PRO B 59 -25.18 -3.52 -5.77
CA PRO B 59 -26.03 -2.50 -5.14
C PRO B 59 -25.30 -1.75 -4.04
N SER B 60 -25.92 -0.66 -3.60
CA SER B 60 -25.37 0.18 -2.55
C SER B 60 -25.68 -0.34 -1.15
N ARG B 61 -26.52 -1.36 -1.02
CA ARG B 61 -26.86 -1.90 0.29
C ARG B 61 -25.76 -2.74 0.89
N PHE B 62 -24.58 -2.76 0.28
CA PHE B 62 -23.41 -3.45 0.80
C PHE B 62 -22.39 -2.39 1.18
N SER B 63 -22.04 -2.30 2.46
CA SER B 63 -21.10 -1.28 2.92
C SER B 63 -20.12 -1.89 3.91
N GLY B 64 -18.85 -1.98 3.52
CA GLY B 64 -17.81 -2.44 4.41
C GLY B 64 -17.12 -1.28 5.11
N SER B 65 -16.50 -1.58 6.26
CA SER B 65 -15.76 -0.57 7.00
C SER B 65 -14.97 -1.24 8.11
N GLY B 66 -13.75 -0.77 8.33
CA GLY B 66 -12.92 -1.31 9.40
C GLY B 66 -11.56 -0.64 9.37
N SER B 67 -10.74 -1.00 10.36
CA SER B 67 -9.44 -0.32 10.43
C SER B 67 -8.39 -1.25 11.04
N GLU B 68 -7.69 -1.98 10.17
CA GLU B 68 -6.37 -2.54 10.42
C GLU B 68 -6.34 -3.65 11.46
N THR B 69 -7.43 -3.81 12.21
CA THR B 69 -7.54 -4.92 13.16
C THR B 69 -8.90 -5.59 13.14
N GLU B 70 -9.96 -4.90 12.71
CA GLU B 70 -11.31 -5.41 12.73
C GLU B 70 -12.05 -4.82 11.54
N PHE B 71 -13.03 -5.55 11.05
CA PHE B 71 -13.77 -5.11 9.87
C PHE B 71 -15.20 -5.61 9.96
N THR B 72 -16.10 -4.87 9.31
CA THR B 72 -17.50 -5.22 9.27
C THR B 72 -18.02 -5.01 7.85
N LEU B 73 -19.06 -5.74 7.52
CA LEU B 73 -19.81 -5.56 6.28
C LEU B 73 -21.29 -5.47 6.65
N THR B 74 -21.90 -4.34 6.35
CA THR B 74 -23.28 -4.07 6.71
C THR B 74 -24.15 -4.20 5.48
N ILE B 75 -25.20 -4.99 5.60
CA ILE B 75 -26.23 -5.12 4.57
C ILE B 75 -27.43 -4.35 5.08
N SER B 76 -27.57 -3.11 4.63
CA SER B 76 -28.60 -2.22 5.17
C SER B 76 -30.00 -2.71 4.83
N SER B 77 -30.17 -3.27 3.63
CA SER B 77 -31.46 -3.74 3.17
C SER B 77 -31.29 -5.07 2.45
N LEU B 78 -32.35 -5.86 2.44
CA LEU B 78 -32.31 -7.22 1.92
C LEU B 78 -33.48 -7.46 0.96
N GLN B 79 -33.23 -7.29 -0.33
CA GLN B 79 -34.04 -8.00 -1.31
C GLN B 79 -33.51 -9.43 -1.42
N PRO B 80 -34.38 -10.42 -1.55
CA PRO B 80 -34.00 -11.79 -1.16
C PRO B 80 -32.80 -12.35 -1.89
N GLU B 81 -32.53 -11.89 -3.11
CA GLU B 81 -31.42 -12.41 -3.90
C GLU B 81 -30.09 -12.28 -3.16
N ASP B 82 -30.01 -11.37 -2.17
CA ASP B 82 -28.76 -11.10 -1.46
C ASP B 82 -28.50 -12.05 -0.29
N PHE B 83 -29.10 -13.24 -0.28
CA PHE B 83 -28.83 -14.23 0.76
C PHE B 83 -27.85 -15.26 0.22
N ALA B 84 -26.67 -15.33 0.83
CA ALA B 84 -25.61 -16.19 0.35
C ALA B 84 -24.63 -16.46 1.47
N THR B 85 -23.49 -17.05 1.13
CA THR B 85 -22.37 -17.21 2.04
C THR B 85 -21.38 -16.08 1.77
N TYR B 86 -20.85 -15.49 2.85
CA TYR B 86 -20.01 -14.32 2.73
C TYR B 86 -18.64 -14.61 3.34
N TYR B 87 -17.59 -14.38 2.55
CA TYR B 87 -16.23 -14.62 2.97
C TYR B 87 -15.46 -13.30 2.96
N CYS B 88 -14.32 -13.27 3.63
CA CYS B 88 -13.44 -12.12 3.55
C CYS B 88 -12.00 -12.56 3.33
N LEU B 89 -11.27 -11.75 2.58
CA LEU B 89 -9.95 -12.04 2.08
C LEU B 89 -9.00 -10.92 2.45
N GLN B 90 -7.89 -11.26 3.09
CA GLN B 90 -6.87 -10.27 3.40
C GLN B 90 -5.84 -10.28 2.29
N HIS B 91 -5.44 -9.08 1.85
CA HIS B 91 -4.44 -9.00 0.80
C HIS B 91 -3.44 -7.88 1.03
N ASN B 92 -3.13 -7.59 2.30
CA ASN B 92 -1.98 -6.74 2.57
C ASN B 92 -0.69 -7.56 2.43
N SER B 93 -0.53 -8.56 3.29
CA SER B 93 0.51 -9.54 3.06
C SER B 93 0.08 -10.47 1.94
N TYR B 94 1.04 -10.94 1.16
CA TYR B 94 0.68 -11.57 -0.09
C TYR B 94 0.15 -13.00 0.07
N PRO B 95 0.52 -13.77 1.10
CA PRO B 95 -0.17 -15.05 1.31
C PRO B 95 -1.63 -14.85 1.70
N TYR B 96 -2.45 -14.57 0.69
CA TYR B 96 -3.87 -14.26 0.89
C TYR B 96 -4.57 -15.39 1.64
N THR B 97 -5.51 -15.03 2.52
CA THR B 97 -6.24 -16.01 3.32
C THR B 97 -7.71 -15.60 3.42
N PHE B 98 -8.56 -16.58 3.74
CA PHE B 98 -10.00 -16.42 3.71
C PHE B 98 -10.58 -16.57 5.12
N GLY B 99 -11.89 -16.33 5.23
CA GLY B 99 -12.63 -16.57 6.45
C GLY B 99 -13.82 -17.51 6.22
N GLN B 100 -14.79 -17.53 7.14
CA GLN B 100 -15.94 -18.41 7.02
C GLN B 100 -17.16 -17.69 7.56
N GLY B 101 -18.24 -17.59 6.78
CA GLY B 101 -19.46 -16.97 7.28
C GLY B 101 -20.65 -17.03 6.34
N THR B 102 -21.82 -17.39 6.84
CA THR B 102 -22.99 -17.65 6.00
C THR B 102 -24.22 -16.88 6.51
N LYS B 103 -25.26 -16.90 5.69
CA LYS B 103 -26.49 -16.15 5.93
C LYS B 103 -27.68 -17.09 5.89
N LEU B 104 -28.73 -16.74 6.65
CA LEU B 104 -29.93 -17.54 6.75
C LEU B 104 -31.12 -16.63 7.00
N GLU B 105 -32.32 -17.13 6.72
CA GLU B 105 -33.54 -16.36 6.88
C GLU B 105 -34.50 -17.07 7.83
N ILE B 106 -35.34 -16.28 8.49
CA ILE B 106 -36.27 -16.80 9.48
C ILE B 106 -37.38 -17.60 8.81
N GLN C 1 -17.11 -12.18 -22.14
CA GLN C 1 -17.15 -13.58 -22.56
C GLN C 1 -15.82 -14.26 -22.26
N VAL C 2 -15.49 -14.34 -20.97
CA VAL C 2 -14.26 -14.95 -20.50
C VAL C 2 -14.62 -16.18 -19.66
N GLN C 3 -13.74 -17.17 -19.66
CA GLN C 3 -13.94 -18.36 -18.86
C GLN C 3 -12.63 -19.14 -18.81
N LEU C 4 -12.63 -20.17 -17.96
CA LEU C 4 -11.51 -21.09 -17.87
C LEU C 4 -11.98 -22.49 -18.25
N VAL C 5 -11.33 -23.08 -19.24
CA VAL C 5 -11.52 -24.49 -19.58
C VAL C 5 -10.62 -25.27 -18.64
N GLU C 6 -11.19 -25.71 -17.52
CA GLU C 6 -10.43 -26.39 -16.49
C GLU C 6 -10.16 -27.84 -16.89
N SER C 7 -9.01 -28.35 -16.45
CA SER C 7 -8.73 -29.76 -16.58
C SER C 7 -9.52 -30.55 -15.53
N GLY C 8 -10.20 -31.60 -15.98
CA GLY C 8 -11.10 -32.31 -15.10
C GLY C 8 -10.38 -32.93 -13.92
N GLY C 9 -11.11 -33.05 -12.82
CA GLY C 9 -10.54 -33.60 -11.60
C GLY C 9 -10.18 -35.07 -11.72
N GLY C 10 -8.94 -35.40 -11.38
CA GLY C 10 -8.52 -36.79 -11.38
C GLY C 10 -8.83 -37.50 -10.08
N VAL C 11 -8.80 -38.82 -10.14
CA VAL C 11 -8.97 -39.67 -8.97
C VAL C 11 -7.59 -40.23 -8.63
N VAL C 12 -6.87 -39.53 -7.76
CA VAL C 12 -5.49 -39.84 -7.46
C VAL C 12 -5.42 -40.79 -6.26
N GLN C 13 -4.19 -41.04 -5.81
CA GLN C 13 -3.91 -41.89 -4.69
C GLN C 13 -3.40 -41.06 -3.53
N PRO C 14 -3.54 -41.55 -2.29
CA PRO C 14 -2.98 -40.82 -1.15
C PRO C 14 -1.46 -40.91 -1.16
N GLY C 15 -0.82 -39.80 -1.49
CA GLY C 15 0.61 -39.76 -1.68
C GLY C 15 1.06 -39.61 -3.13
N ARG C 16 0.16 -39.76 -4.09
CA ARG C 16 0.49 -39.64 -5.49
C ARG C 16 0.55 -38.16 -5.88
N SER C 17 0.60 -37.90 -7.19
CA SER C 17 0.62 -36.54 -7.69
C SER C 17 -0.37 -36.42 -8.84
N LEU C 18 -0.54 -35.20 -9.35
CA LEU C 18 -1.44 -34.93 -10.46
C LEU C 18 -1.03 -33.59 -11.07
N ARG C 19 -1.82 -33.13 -12.04
CA ARG C 19 -1.55 -31.87 -12.71
C ARG C 19 -2.78 -31.40 -13.48
N LEU C 20 -3.15 -30.12 -13.31
CA LEU C 20 -4.35 -29.58 -13.91
C LEU C 20 -4.04 -28.27 -14.60
N SER C 21 -4.77 -28.00 -15.67
CA SER C 21 -4.58 -26.81 -16.47
C SER C 21 -5.93 -26.17 -16.75
N CYS C 22 -5.90 -24.89 -17.11
CA CYS C 22 -7.11 -24.14 -17.42
C CYS C 22 -6.80 -23.21 -18.58
N ALA C 23 -7.38 -23.51 -19.73
CA ALA C 23 -7.25 -22.65 -20.90
C ALA C 23 -8.11 -21.41 -20.74
N ALA C 24 -7.71 -20.34 -21.42
CA ALA C 24 -8.38 -19.05 -21.32
C ALA C 24 -9.40 -18.87 -22.43
N SER C 25 -10.52 -18.22 -22.10
CA SER C 25 -11.53 -17.88 -23.08
C SER C 25 -11.86 -16.40 -22.94
N GLY C 26 -11.73 -15.65 -24.03
CA GLY C 26 -12.08 -14.24 -24.08
C GLY C 26 -11.00 -13.25 -23.73
N PHE C 27 -10.34 -13.44 -22.60
CA PHE C 27 -9.32 -12.51 -22.13
C PHE C 27 -7.96 -12.89 -22.71
N ILE C 28 -6.97 -12.03 -22.42
CA ILE C 28 -5.59 -12.25 -22.82
C ILE C 28 -4.83 -12.70 -21.58
N PHE C 29 -4.68 -14.02 -21.43
CA PHE C 29 -3.97 -14.59 -20.28
C PHE C 29 -2.47 -14.31 -20.32
N SER C 30 -1.98 -13.59 -21.33
CA SER C 30 -0.55 -13.35 -21.46
C SER C 30 -0.02 -12.36 -20.43
N SER C 31 -0.79 -11.33 -20.07
CA SER C 31 -0.31 -10.34 -19.12
C SER C 31 -1.36 -10.02 -18.05
N TYR C 32 -2.05 -11.04 -17.56
CA TYR C 32 -2.88 -10.95 -16.36
C TYR C 32 -2.30 -11.82 -15.26
N GLY C 33 -2.86 -11.68 -14.06
CA GLY C 33 -2.49 -12.51 -12.94
C GLY C 33 -3.55 -13.57 -12.69
N MET C 34 -3.10 -14.81 -12.55
CA MET C 34 -4.00 -15.97 -12.41
C MET C 34 -3.88 -16.52 -11.00
N HIS C 35 -4.98 -16.51 -10.27
CA HIS C 35 -5.02 -17.09 -8.94
C HIS C 35 -5.63 -18.48 -9.00
N TRP C 36 -5.14 -19.36 -8.12
CA TRP C 36 -5.71 -20.69 -7.92
C TRP C 36 -6.25 -20.78 -6.51
N VAL C 37 -7.54 -21.11 -6.40
CA VAL C 37 -8.24 -21.23 -5.13
C VAL C 37 -8.92 -22.59 -5.09
N ARG C 38 -8.89 -23.24 -3.93
CA ARG C 38 -9.51 -24.54 -3.76
C ARG C 38 -10.61 -24.45 -2.70
N GLN C 39 -11.80 -24.90 -3.06
CA GLN C 39 -12.96 -24.90 -2.17
C GLN C 39 -13.32 -26.35 -1.88
N ALA C 40 -13.04 -26.81 -0.67
CA ALA C 40 -13.25 -28.20 -0.31
C ALA C 40 -14.67 -28.38 0.22
N PRO C 41 -15.47 -29.27 -0.36
CA PRO C 41 -16.77 -29.58 0.26
C PRO C 41 -16.59 -30.12 1.67
N GLY C 42 -17.44 -29.64 2.57
CA GLY C 42 -17.20 -29.84 3.98
C GLY C 42 -16.28 -28.81 4.61
N LYS C 43 -15.91 -27.79 3.85
CA LYS C 43 -15.05 -26.73 4.35
C LYS C 43 -15.40 -25.45 3.61
N GLY C 44 -14.52 -24.43 3.71
CA GLY C 44 -14.69 -23.19 3.03
C GLY C 44 -13.60 -22.95 2.00
N LEU C 45 -13.61 -21.75 1.44
CA LEU C 45 -12.59 -21.37 0.47
C LEU C 45 -11.22 -21.36 1.11
N GLU C 46 -10.21 -21.69 0.33
CA GLU C 46 -8.84 -21.66 0.84
C GLU C 46 -7.95 -21.21 -0.31
N TRP C 47 -7.35 -20.03 -0.16
CA TRP C 47 -6.43 -19.51 -1.17
C TRP C 47 -5.24 -20.43 -1.32
N VAL C 48 -4.89 -20.76 -2.57
CA VAL C 48 -3.88 -21.77 -2.87
C VAL C 48 -2.62 -21.15 -3.49
N ALA C 49 -2.77 -20.39 -4.56
CA ALA C 49 -1.60 -19.87 -5.25
C ALA C 49 -1.96 -18.62 -6.03
N VAL C 50 -0.93 -17.84 -6.36
CA VAL C 50 -1.06 -16.68 -7.23
C VAL C 50 0.11 -16.69 -8.21
N ILE C 51 -0.18 -16.42 -9.48
CA ILE C 51 0.81 -16.38 -10.54
C ILE C 51 0.70 -15.03 -11.23
N TRP C 52 1.86 -14.41 -11.49
CA TRP C 52 1.91 -13.25 -12.34
C TRP C 52 2.09 -13.70 -13.79
N PHE C 53 2.39 -12.75 -14.67
CA PHE C 53 2.81 -13.05 -16.04
C PHE C 53 4.31 -13.24 -16.16
N ASP C 54 5.09 -12.45 -15.45
CA ASP C 54 6.56 -12.49 -15.55
C ASP C 54 7.17 -13.46 -14.54
N GLY C 55 6.65 -14.70 -14.54
CA GLY C 55 7.28 -15.78 -13.80
C GLY C 55 7.45 -15.55 -12.32
N SER C 56 6.66 -14.67 -11.72
CA SER C 56 6.70 -14.44 -10.28
C SER C 56 5.46 -15.07 -9.65
N ASN C 57 5.67 -15.96 -8.69
CA ASN C 57 4.59 -16.75 -8.13
C ASN C 57 4.68 -16.76 -6.62
N LYS C 58 3.53 -16.93 -5.96
CA LYS C 58 3.48 -17.08 -4.52
C LYS C 58 2.44 -18.12 -4.16
N TYR C 59 2.62 -18.71 -2.97
CA TYR C 59 1.91 -19.95 -2.66
C TYR C 59 1.22 -19.90 -1.30
N TYR C 60 0.67 -21.03 -0.86
CA TYR C 60 -0.18 -21.08 0.32
C TYR C 60 0.54 -21.76 1.47
N ALA C 61 -0.13 -21.80 2.62
CA ALA C 61 0.46 -22.35 3.83
C ALA C 61 0.76 -23.83 3.72
N ASP C 62 -0.17 -24.62 3.18
CA ASP C 62 0.03 -26.06 3.08
C ASP C 62 0.36 -26.52 1.67
N SER C 63 0.08 -25.70 0.67
CA SER C 63 0.34 -26.03 -0.73
C SER C 63 1.65 -25.44 -1.21
N VAL C 64 2.63 -25.32 -0.32
CA VAL C 64 3.95 -24.81 -0.65
C VAL C 64 5.01 -25.89 -0.55
N LYS C 65 4.63 -27.16 -0.65
CA LYS C 65 5.58 -28.26 -0.71
C LYS C 65 5.43 -29.06 -2.00
N GLY C 66 4.21 -29.42 -2.35
CA GLY C 66 3.97 -30.22 -3.53
C GLY C 66 3.08 -29.54 -4.56
N ARG C 67 3.36 -28.28 -4.87
CA ARG C 67 2.65 -27.56 -5.91
C ARG C 67 3.64 -26.71 -6.71
N PHE C 68 3.43 -26.64 -8.03
CA PHE C 68 4.26 -25.83 -8.90
C PHE C 68 3.43 -25.33 -10.06
N THR C 69 3.34 -24.00 -10.20
CA THR C 69 2.47 -23.36 -11.18
C THR C 69 3.27 -22.88 -12.39
N ILE C 70 2.54 -22.70 -13.49
CA ILE C 70 3.13 -22.19 -14.73
C ILE C 70 2.00 -21.59 -15.56
N SER C 71 2.35 -20.75 -16.52
CA SER C 71 1.38 -20.15 -17.44
C SER C 71 1.86 -20.39 -18.87
N ARG C 72 1.26 -21.38 -19.54
CA ARG C 72 1.59 -21.68 -20.92
C ARG C 72 0.94 -20.63 -21.81
N ASP C 73 1.61 -19.48 -21.90
CA ASP C 73 1.12 -18.39 -22.72
C ASP C 73 1.07 -18.73 -24.20
N ASN C 74 1.79 -19.76 -24.64
CA ASN C 74 1.67 -20.24 -26.00
C ASN C 74 0.28 -20.81 -26.25
N SER C 75 -0.21 -21.61 -25.31
CA SER C 75 -1.57 -22.11 -25.35
C SER C 75 -2.52 -21.29 -24.48
N LYS C 76 -2.03 -20.22 -23.84
CA LYS C 76 -2.82 -19.37 -22.96
C LYS C 76 -3.51 -20.18 -21.86
N ASN C 77 -2.85 -21.23 -21.38
CA ASN C 77 -3.41 -22.13 -20.39
C ASN C 77 -2.62 -21.99 -19.09
N THR C 78 -3.27 -21.48 -18.06
CA THR C 78 -2.65 -21.42 -16.73
C THR C 78 -2.74 -22.79 -16.09
N LEU C 79 -1.60 -23.39 -15.81
CA LEU C 79 -1.56 -24.79 -15.36
C LEU C 79 -0.75 -24.89 -14.08
N TYR C 80 -0.74 -26.09 -13.51
CA TYR C 80 0.12 -26.41 -12.37
C TYR C 80 0.17 -27.92 -12.20
N LEU C 81 1.33 -28.39 -11.74
CA LEU C 81 1.54 -29.79 -11.38
C LEU C 81 1.72 -29.83 -9.87
N GLN C 82 0.92 -30.66 -9.21
CA GLN C 82 0.86 -30.70 -7.77
C GLN C 82 1.09 -32.13 -7.28
N MET C 83 1.53 -32.25 -6.03
CA MET C 83 1.53 -33.53 -5.36
C MET C 83 0.12 -33.82 -4.85
N ASN C 84 -0.05 -34.86 -4.04
CA ASN C 84 -1.34 -35.16 -3.46
C ASN C 84 -1.14 -35.86 -2.13
N SER C 85 -2.21 -35.89 -1.34
CA SER C 85 -2.18 -36.48 -0.01
C SER C 85 -3.60 -36.67 0.50
N GLU C 89 -7.14 -34.94 2.42
CA GLU C 89 -6.98 -33.59 2.96
C GLU C 89 -6.64 -32.62 1.84
N ASP C 90 -6.97 -33.03 0.61
CA ASP C 90 -6.82 -32.18 -0.56
C ASP C 90 -8.02 -32.30 -1.49
N THR C 91 -9.08 -33.00 -1.08
CA THR C 91 -10.26 -33.18 -1.92
C THR C 91 -11.01 -31.86 -1.95
N ALA C 92 -10.74 -31.04 -2.96
CA ALA C 92 -11.29 -29.70 -3.02
C ALA C 92 -11.68 -29.36 -4.45
N VAL C 93 -12.58 -28.39 -4.58
CA VAL C 93 -13.13 -27.98 -5.87
C VAL C 93 -12.35 -26.74 -6.28
N TYR C 94 -11.28 -26.95 -7.03
CA TYR C 94 -10.31 -25.88 -7.27
C TYR C 94 -10.83 -24.88 -8.28
N TYR C 95 -10.74 -23.60 -7.93
CA TYR C 95 -11.08 -22.51 -8.83
C TYR C 95 -9.81 -21.78 -9.25
N CYS C 96 -9.76 -21.38 -10.51
CA CYS C 96 -8.63 -20.65 -11.06
C CYS C 96 -9.15 -19.32 -11.59
N ALA C 97 -9.13 -18.31 -10.75
CA ALA C 97 -9.59 -16.97 -11.09
C ALA C 97 -8.43 -16.11 -11.55
N ARG C 98 -8.75 -15.10 -12.36
CA ARG C 98 -7.75 -14.24 -12.97
C ARG C 98 -8.08 -12.79 -12.65
N GLU C 99 -7.04 -12.03 -12.31
CA GLU C 99 -7.17 -10.74 -11.62
C GLU C 99 -7.38 -9.59 -12.59
N THR C 100 -8.02 -8.54 -12.10
CA THR C 100 -8.08 -7.24 -12.76
C THR C 100 -7.97 -6.14 -11.72
N VAL C 101 -7.50 -4.98 -12.16
CA VAL C 101 -7.50 -3.81 -11.30
C VAL C 101 -8.87 -3.15 -11.23
N SER C 102 -9.71 -3.30 -12.26
CA SER C 102 -11.05 -2.74 -12.24
C SER C 102 -12.09 -3.74 -11.72
N TYR C 103 -12.25 -4.86 -12.43
CA TYR C 103 -13.22 -5.86 -12.00
C TYR C 103 -12.78 -6.53 -10.70
N GLY C 104 -11.51 -6.91 -10.62
CA GLY C 104 -10.99 -7.51 -9.40
C GLY C 104 -11.31 -8.97 -9.22
N MET C 105 -10.79 -9.83 -10.10
CA MET C 105 -11.00 -11.27 -10.05
C MET C 105 -12.48 -11.62 -10.16
N ASP C 106 -13.06 -11.33 -11.32
CA ASP C 106 -14.47 -11.59 -11.58
C ASP C 106 -14.68 -12.69 -12.62
N VAL C 107 -13.64 -13.44 -12.96
CA VAL C 107 -13.78 -14.65 -13.77
C VAL C 107 -12.94 -15.73 -13.11
N TRP C 108 -13.45 -16.96 -13.09
CA TRP C 108 -12.91 -18.02 -12.26
C TRP C 108 -12.73 -19.29 -13.09
N GLY C 109 -12.22 -20.33 -12.43
CA GLY C 109 -12.22 -21.67 -12.97
C GLY C 109 -13.57 -22.33 -12.77
N GLN C 110 -13.62 -23.62 -13.05
CA GLN C 110 -14.87 -24.38 -12.95
C GLN C 110 -14.63 -25.72 -12.25
N GLY C 111 -13.87 -25.69 -11.18
CA GLY C 111 -13.91 -26.79 -10.23
C GLY C 111 -13.35 -28.13 -10.64
N THR C 112 -12.03 -28.22 -10.79
CA THR C 112 -11.40 -29.54 -10.90
C THR C 112 -11.67 -30.34 -9.63
N THR C 113 -12.45 -31.42 -9.76
CA THR C 113 -12.88 -32.20 -8.60
C THR C 113 -11.82 -33.25 -8.24
N VAL C 114 -10.68 -32.74 -7.80
CA VAL C 114 -9.52 -33.58 -7.50
C VAL C 114 -9.68 -34.20 -6.13
N THR C 115 -9.44 -35.50 -6.02
CA THR C 115 -9.47 -36.22 -4.77
C THR C 115 -8.24 -37.12 -4.65
N VAL C 116 -7.75 -37.29 -3.43
CA VAL C 116 -6.57 -38.10 -3.16
C VAL C 116 -7.04 -39.29 -2.34
N SER C 117 -7.32 -40.40 -3.00
CA SER C 117 -7.78 -41.61 -2.34
C SER C 117 -7.64 -42.82 -3.26
#